data_5VLL
#
_entry.id   5VLL
#
_cell.length_a   70.566
_cell.length_b   70.566
_cell.length_c   158.487
_cell.angle_alpha   90.00
_cell.angle_beta   90.00
_cell.angle_gamma   120.00
#
_symmetry.space_group_name_H-M   'P 32 2 1'
#
loop_
_entity.id
_entity.type
_entity.pdbx_description
1 polymer 'Proprotein convertase subtilisin/kexin type 9'
2 polymer CYS-PHE-ILE-PRO-TRP-ASN-LEU-GLN-ARG-ILE-GLY-LEU-LEU-CYS
3 polymer ACE-THR-VAL-PHE-THR-SER-TRP-GLU-GLU-TYR-LEU-ASP-TRP-VAL-NH2
4 non-polymer 'CALCIUM ION'
5 water water
#
loop_
_entity_poly.entity_id
_entity_poly.type
_entity_poly.pdbx_seq_one_letter_code
_entity_poly.pdbx_strand_id
1 'polypeptide(L)'
;MGTVSSRRSWWPLPLLLLLLLLLGPAGARAQEDEDGDYEELVLALRSEEDGLAEAPEHGTTATFHRCAKDPWRLPGTYVV
VLKEETHLSQSERTARRLQAQAARRGYLTKILHVFHGLLPGFLVKMSGDLLELALKLPHVDYIEEDSSVFAQSIPWNLER
ITPPRYSADEYQPPDGGSLVEVYLLDTSIQSDHREIEGRVMVTDFENVPEEDGTRFHRQASKCDSHGTHLAGVVSGRDAG
VAKGASMRSLRVLNCQGKGTVSGTLIGLEFIRKSQLVQPVGPLVVLLPLAGGYSRVLNAACQRLARAGVVLVTAAGNFRD
DACLYSPASAPEVITVGATNAQDQPVTLGTLGTNFGRCVDLFAPGEDIIGASSDCSTCFVSQSGTSQAAAHVAGIAAMML
SAEPELTLAELRQRLIHFSAKDVINEAWFPEDQRVLTPNLVAALPPSTHGAGNSHHHHHH
;
A
2 'polypeptide(L)' CFIPWNLQRIGLLC Y
3 'polypeptide(L)' (ACE)TVFTSWEEYLDWV(NH2) Z
#
# COMPACT_ATOMS: atom_id res chain seq x y z
N THR A 61 -5.09 -8.93 29.48
CA THR A 61 -6.18 -8.07 29.01
C THR A 61 -5.72 -7.12 27.87
N ALA A 62 -6.46 -6.01 27.67
CA ALA A 62 -6.27 -4.97 26.64
C ALA A 62 -4.95 -4.25 26.80
N THR A 63 -4.26 -3.99 25.66
CA THR A 63 -2.93 -3.35 25.60
C THR A 63 -2.92 -2.03 24.76
N PHE A 64 -1.89 -1.20 25.02
CA PHE A 64 -1.63 0.05 24.34
C PHE A 64 -0.32 -0.08 23.53
N HIS A 65 -0.32 0.50 22.34
CA HIS A 65 0.80 0.40 21.41
C HIS A 65 0.90 1.75 20.72
N ARG A 66 2.12 2.19 20.46
CA ARG A 66 2.39 3.44 19.74
C ARG A 66 3.62 3.18 18.91
N CYS A 67 3.78 3.89 17.79
CA CYS A 67 4.91 3.74 16.85
C CYS A 67 6.28 3.81 17.56
N ALA A 68 7.13 2.80 17.33
CA ALA A 68 8.49 2.70 17.91
C ALA A 68 9.42 3.77 17.31
N LYS A 69 9.04 4.35 16.14
CA LYS A 69 9.74 5.44 15.47
C LYS A 69 9.12 6.68 16.04
N ASP A 70 9.76 7.23 17.10
CA ASP A 70 9.29 8.42 17.82
C ASP A 70 8.88 9.62 16.90
N PRO A 71 9.67 10.03 15.87
CA PRO A 71 9.23 11.15 15.02
C PRO A 71 7.98 10.84 14.16
N TRP A 72 7.59 9.56 14.02
CA TRP A 72 6.44 9.16 13.20
C TRP A 72 5.12 9.03 13.96
N ARG A 73 5.14 9.21 15.30
CA ARG A 73 3.96 9.13 16.17
C ARG A 73 3.07 10.35 16.01
N LEU A 74 1.74 10.16 16.16
CA LEU A 74 0.80 11.27 16.11
C LEU A 74 -0.04 11.26 17.39
N PRO A 75 0.51 11.84 18.48
CA PRO A 75 -0.19 11.80 19.79
C PRO A 75 -1.46 12.61 19.83
N GLY A 76 -2.40 12.19 20.65
CA GLY A 76 -3.69 12.88 20.76
C GLY A 76 -4.80 12.26 19.92
N THR A 77 -4.43 11.27 19.05
CA THR A 77 -5.36 10.54 18.19
C THR A 77 -5.12 9.05 18.41
N TYR A 78 -6.20 8.33 18.75
CA TYR A 78 -6.16 6.90 19.07
C TYR A 78 -7.18 6.05 18.35
N VAL A 79 -6.73 4.87 17.91
CA VAL A 79 -7.54 3.84 17.29
C VAL A 79 -7.86 2.83 18.41
N VAL A 80 -9.13 2.77 18.81
CA VAL A 80 -9.62 1.84 19.84
C VAL A 80 -10.17 0.66 19.05
N VAL A 81 -9.49 -0.48 19.13
CA VAL A 81 -9.86 -1.69 18.41
C VAL A 81 -10.58 -2.61 19.36
N LEU A 82 -11.77 -3.06 18.95
CA LEU A 82 -12.54 -3.95 19.81
C LEU A 82 -12.46 -5.40 19.32
N LYS A 83 -12.75 -6.35 20.22
CA LYS A 83 -12.79 -7.81 19.99
C LYS A 83 -13.54 -8.19 18.68
N GLU A 84 -12.93 -9.09 17.88
CA GLU A 84 -13.31 -9.57 16.55
C GLU A 84 -14.80 -9.50 16.21
N GLU A 85 -15.66 -10.15 17.01
CA GLU A 85 -17.08 -10.21 16.68
C GLU A 85 -17.93 -9.11 17.34
N THR A 86 -17.34 -7.93 17.63
CA THR A 86 -18.10 -6.81 18.18
C THR A 86 -18.91 -6.15 17.07
N HIS A 87 -20.22 -6.00 17.31
CA HIS A 87 -21.17 -5.38 16.39
C HIS A 87 -21.01 -3.84 16.40
N LEU A 88 -21.44 -3.16 15.33
CA LEU A 88 -21.36 -1.70 15.17
C LEU A 88 -22.17 -0.91 16.24
N SER A 89 -23.31 -1.46 16.66
CA SER A 89 -24.16 -0.90 17.70
C SER A 89 -23.39 -0.92 19.03
N GLN A 90 -22.67 -2.03 19.30
CA GLN A 90 -21.87 -2.16 20.52
C GLN A 90 -20.71 -1.17 20.46
N SER A 91 -20.09 -1.04 19.27
CA SER A 91 -18.97 -0.14 18.99
CA SER A 91 -18.97 -0.13 18.99
C SER A 91 -19.35 1.33 19.18
N GLU A 92 -20.53 1.72 18.68
CA GLU A 92 -21.02 3.08 18.80
C GLU A 92 -21.34 3.39 20.27
N ARG A 93 -21.87 2.39 21.04
CA ARG A 93 -22.17 2.52 22.47
C ARG A 93 -20.88 2.70 23.29
N THR A 94 -19.81 1.90 23.01
CA THR A 94 -18.50 1.96 23.69
C THR A 94 -17.88 3.35 23.53
N ALA A 95 -17.98 3.92 22.32
CA ALA A 95 -17.49 5.27 22.02
C ALA A 95 -18.26 6.32 22.80
N ARG A 96 -19.60 6.18 22.88
CA ARG A 96 -20.43 7.12 23.65
C ARG A 96 -20.10 7.05 25.17
N ARG A 97 -19.92 5.82 25.69
CA ARG A 97 -19.54 5.54 27.08
C ARG A 97 -18.20 6.24 27.41
N LEU A 98 -17.21 6.13 26.49
CA LEU A 98 -15.90 6.78 26.63
C LEU A 98 -16.06 8.29 26.75
N GLN A 99 -16.87 8.90 25.85
CA GLN A 99 -17.15 10.34 25.88
C GLN A 99 -17.82 10.77 27.18
N ALA A 100 -18.72 9.92 27.71
CA ALA A 100 -19.43 10.17 28.97
C ALA A 100 -18.48 10.09 30.16
N GLN A 101 -17.69 9.00 30.27
CA GLN A 101 -16.72 8.83 31.36
C GLN A 101 -15.65 9.92 31.37
N ALA A 102 -15.17 10.30 30.18
CA ALA A 102 -14.18 11.38 30.01
C ALA A 102 -14.74 12.73 30.42
N ALA A 103 -16.03 13.01 30.09
CA ALA A 103 -16.72 14.27 30.40
C ALA A 103 -16.81 14.47 31.89
N ARG A 104 -17.04 13.38 32.64
CA ARG A 104 -17.15 13.29 34.08
C ARG A 104 -15.82 13.73 34.76
N ARG A 105 -14.70 13.44 34.10
CA ARG A 105 -13.35 13.74 34.54
C ARG A 105 -12.84 15.09 33.99
N GLY A 106 -13.71 15.83 33.29
CA GLY A 106 -13.37 17.14 32.75
C GLY A 106 -12.75 17.16 31.37
N TYR A 107 -12.69 15.99 30.71
CA TYR A 107 -12.09 15.83 29.39
C TYR A 107 -13.05 15.92 28.23
N LEU A 108 -12.63 16.71 27.25
CA LEU A 108 -13.31 16.89 25.98
C LEU A 108 -12.75 15.83 25.00
N THR A 109 -13.64 15.09 24.34
CA THR A 109 -13.28 14.04 23.37
C THR A 109 -14.09 14.22 22.10
N LYS A 110 -13.60 13.68 20.99
CA LYS A 110 -14.29 13.75 19.70
CA LYS A 110 -14.28 13.77 19.69
C LYS A 110 -14.12 12.44 18.99
N ILE A 111 -15.24 11.84 18.57
CA ILE A 111 -15.18 10.56 17.84
C ILE A 111 -15.11 10.92 16.37
N LEU A 112 -14.00 10.55 15.72
CA LEU A 112 -13.73 10.92 14.33
C LEU A 112 -14.28 9.97 13.28
N HIS A 113 -14.53 8.70 13.67
CA HIS A 113 -14.93 7.60 12.79
C HIS A 113 -15.27 6.37 13.65
N VAL A 114 -16.15 5.50 13.16
CA VAL A 114 -16.50 4.25 13.83
C VAL A 114 -16.32 3.13 12.80
N PHE A 115 -15.29 2.30 12.99
CA PHE A 115 -14.96 1.19 12.12
C PHE A 115 -15.92 0.03 12.24
N HIS A 116 -16.15 -0.64 11.11
CA HIS A 116 -16.97 -1.85 10.96
C HIS A 116 -16.75 -2.41 9.56
N GLY A 117 -16.63 -3.73 9.46
CA GLY A 117 -16.41 -4.38 8.17
C GLY A 117 -15.20 -5.26 8.20
N LEU A 118 -14.04 -4.66 8.49
CA LEU A 118 -12.79 -5.40 8.62
C LEU A 118 -12.46 -5.51 10.10
N LEU A 119 -12.53 -4.38 10.80
CA LEU A 119 -12.15 -4.26 12.19
C LEU A 119 -13.20 -3.52 12.97
N PRO A 120 -13.61 -4.01 14.16
CA PRO A 120 -14.54 -3.24 14.99
C PRO A 120 -13.76 -2.27 15.90
N GLY A 121 -14.31 -1.10 16.08
CA GLY A 121 -13.72 -0.08 16.93
C GLY A 121 -13.96 1.31 16.38
N PHE A 122 -13.26 2.31 16.96
CA PHE A 122 -13.44 3.70 16.58
C PHE A 122 -12.14 4.51 16.65
N LEU A 123 -12.18 5.72 16.11
CA LEU A 123 -11.06 6.63 16.13
C LEU A 123 -11.46 7.78 17.04
N VAL A 124 -10.64 8.08 18.07
CA VAL A 124 -10.95 9.13 19.05
C VAL A 124 -9.81 10.17 19.17
N LYS A 125 -10.19 11.47 19.13
CA LYS A 125 -9.27 12.57 19.36
C LYS A 125 -9.49 12.93 20.83
N MET A 126 -8.47 12.63 21.67
CA MET A 126 -8.54 12.85 23.12
C MET A 126 -7.13 12.96 23.70
N SER A 127 -7.05 13.35 24.98
CA SER A 127 -5.80 13.38 25.73
C SER A 127 -5.39 11.95 26.00
N GLY A 128 -4.09 11.67 25.94
CA GLY A 128 -3.51 10.38 26.28
C GLY A 128 -3.78 10.02 27.73
N ASP A 129 -4.05 11.04 28.61
CA ASP A 129 -4.43 10.87 30.02
C ASP A 129 -5.59 9.87 30.16
N LEU A 130 -6.50 9.81 29.16
CA LEU A 130 -7.68 8.95 29.18
C LEU A 130 -7.47 7.47 28.83
N LEU A 131 -6.24 7.04 28.49
CA LEU A 131 -5.95 5.67 28.07
C LEU A 131 -6.16 4.58 29.10
N GLU A 132 -5.87 4.82 30.39
CA GLU A 132 -6.05 3.79 31.43
C GLU A 132 -7.55 3.45 31.57
N LEU A 133 -8.41 4.49 31.51
CA LEU A 133 -9.86 4.41 31.53
C LEU A 133 -10.35 3.73 30.23
N ALA A 134 -9.89 4.24 29.05
CA ALA A 134 -10.22 3.70 27.73
C ALA A 134 -9.90 2.20 27.59
N LEU A 135 -8.80 1.74 28.23
CA LEU A 135 -8.40 0.32 28.24
C LEU A 135 -9.35 -0.54 29.08
N LYS A 136 -10.08 0.07 30.05
CA LYS A 136 -11.03 -0.62 30.94
C LYS A 136 -12.44 -0.77 30.35
N LEU A 137 -12.73 -0.12 29.18
CA LEU A 137 -14.02 -0.17 28.48
C LEU A 137 -14.36 -1.61 28.05
N PRO A 138 -15.66 -1.96 27.87
CA PRO A 138 -16.00 -3.34 27.43
C PRO A 138 -15.74 -3.54 25.95
N HIS A 139 -15.39 -4.79 25.59
CA HIS A 139 -15.04 -5.26 24.24
C HIS A 139 -13.70 -4.74 23.70
N VAL A 140 -13.02 -3.84 24.42
CA VAL A 140 -11.72 -3.32 23.97
C VAL A 140 -10.67 -4.46 23.88
N ASP A 141 -10.09 -4.64 22.67
CA ASP A 141 -9.05 -5.63 22.43
C ASP A 141 -7.68 -4.94 22.68
N TYR A 142 -7.44 -3.80 21.99
CA TYR A 142 -6.22 -2.99 22.11
C TYR A 142 -6.44 -1.59 21.56
N ILE A 143 -5.59 -0.65 21.99
CA ILE A 143 -5.62 0.74 21.56
C ILE A 143 -4.24 1.06 20.97
N GLU A 144 -4.25 1.80 19.86
CA GLU A 144 -3.07 2.23 19.17
C GLU A 144 -3.11 3.70 18.88
N GLU A 145 -2.03 4.41 19.27
CA GLU A 145 -1.84 5.81 18.94
C GLU A 145 -1.63 5.91 17.41
N ASP A 146 -2.24 6.93 16.76
CA ASP A 146 -2.10 7.18 15.32
C ASP A 146 -0.64 7.44 14.96
N SER A 147 -0.24 7.10 13.73
CA SER A 147 1.13 7.28 13.26
C SER A 147 1.17 7.59 11.79
N SER A 148 2.32 8.09 11.29
CA SER A 148 2.47 8.50 9.88
C SER A 148 2.82 7.39 8.92
N VAL A 149 2.36 7.53 7.68
CA VAL A 149 2.71 6.65 6.55
C VAL A 149 3.28 7.52 5.44
N PHE A 150 4.25 7.02 4.71
CA PHE A 150 4.91 7.82 3.67
C PHE A 150 4.97 7.11 2.34
N ALA A 151 4.73 7.84 1.24
CA ALA A 151 4.88 7.36 -0.13
C ALA A 151 6.25 6.69 -0.26
N GLN A 152 6.34 5.50 -0.89
CA GLN A 152 7.63 4.82 -1.04
C GLN A 152 8.18 4.88 -2.48
N GLY A 176 -4.54 -6.95 -21.24
CA GLY A 176 -4.25 -7.91 -20.19
C GLY A 176 -4.51 -7.40 -18.80
N GLY A 177 -5.24 -8.18 -18.00
CA GLY A 177 -5.61 -7.81 -16.63
C GLY A 177 -6.98 -7.17 -16.48
N SER A 178 -7.85 -7.32 -17.50
CA SER A 178 -9.20 -6.73 -17.66
C SER A 178 -10.35 -7.28 -16.78
N LEU A 179 -10.15 -8.42 -16.11
CA LEU A 179 -11.17 -9.01 -15.24
C LEU A 179 -11.01 -8.54 -13.80
N VAL A 180 -9.88 -7.88 -13.56
CA VAL A 180 -9.42 -7.42 -12.27
C VAL A 180 -9.54 -5.93 -12.10
N GLU A 181 -9.96 -5.51 -10.91
CA GLU A 181 -10.00 -4.12 -10.49
C GLU A 181 -8.76 -3.86 -9.59
N VAL A 182 -7.89 -2.89 -9.96
CA VAL A 182 -6.73 -2.55 -9.14
C VAL A 182 -7.02 -1.28 -8.30
N TYR A 183 -7.08 -1.41 -6.98
CA TYR A 183 -7.29 -0.29 -6.08
C TYR A 183 -5.92 0.30 -5.70
N LEU A 184 -5.82 1.63 -5.69
CA LEU A 184 -4.57 2.32 -5.35
C LEU A 184 -4.85 3.30 -4.25
N LEU A 185 -4.14 3.16 -3.12
CA LEU A 185 -4.25 4.06 -1.97
C LEU A 185 -2.96 4.86 -2.01
N ASP A 186 -3.07 6.10 -2.47
CA ASP A 186 -1.88 6.92 -2.64
C ASP A 186 -2.19 8.40 -2.60
N THR A 187 -1.35 9.20 -3.29
CA THR A 187 -1.51 10.64 -3.46
C THR A 187 -2.69 10.79 -4.42
N SER A 188 -3.09 12.04 -4.71
CA SER A 188 -4.12 12.31 -5.71
C SER A 188 -3.50 11.95 -7.08
N ILE A 189 -4.33 11.65 -8.08
CA ILE A 189 -3.75 11.27 -9.37
C ILE A 189 -4.30 12.17 -10.49
N GLN A 190 -3.49 12.40 -11.54
CA GLN A 190 -3.96 13.18 -12.69
C GLN A 190 -4.65 12.20 -13.66
N SER A 191 -5.97 11.98 -13.47
CA SER A 191 -6.79 11.03 -14.26
C SER A 191 -6.81 11.29 -15.76
N ASP A 192 -6.84 12.56 -16.17
CA ASP A 192 -6.87 13.00 -17.58
C ASP A 192 -5.52 12.81 -18.31
N HIS A 193 -4.51 12.16 -17.66
CA HIS A 193 -3.21 11.89 -18.31
C HIS A 193 -3.44 10.86 -19.41
N ARG A 194 -3.02 11.17 -20.65
CA ARG A 194 -3.19 10.29 -21.81
C ARG A 194 -2.75 8.84 -21.54
N GLU A 195 -1.77 8.65 -20.66
CA GLU A 195 -1.25 7.33 -20.28
C GLU A 195 -2.29 6.49 -19.53
N ILE A 196 -3.14 7.11 -18.67
CA ILE A 196 -4.12 6.38 -17.84
C ILE A 196 -5.61 6.81 -18.02
N GLU A 197 -5.88 7.84 -18.85
CA GLU A 197 -7.23 8.36 -19.16
C GLU A 197 -8.14 7.21 -19.55
N GLY A 198 -9.26 7.06 -18.85
CA GLY A 198 -10.23 5.98 -19.07
C GLY A 198 -9.98 4.70 -18.27
N ARG A 199 -8.74 4.48 -17.81
CA ARG A 199 -8.33 3.29 -17.04
C ARG A 199 -8.47 3.48 -15.54
N VAL A 200 -8.55 4.74 -15.06
CA VAL A 200 -8.61 5.03 -13.62
C VAL A 200 -9.88 5.77 -13.24
N MET A 201 -10.60 5.22 -12.25
CA MET A 201 -11.81 5.79 -11.67
C MET A 201 -11.40 6.45 -10.32
N VAL A 202 -11.37 7.78 -10.29
CA VAL A 202 -11.03 8.53 -9.07
C VAL A 202 -12.27 8.47 -8.15
N THR A 203 -12.17 7.71 -7.03
CA THR A 203 -13.24 7.56 -6.04
C THR A 203 -13.42 8.88 -5.28
N ASP A 204 -14.46 8.99 -4.44
CA ASP A 204 -14.63 10.24 -3.70
C ASP A 204 -13.86 10.24 -2.37
N PHE A 205 -13.05 9.19 -2.14
CA PHE A 205 -12.30 8.99 -0.92
C PHE A 205 -11.05 9.88 -0.79
N GLU A 206 -11.00 10.57 0.35
CA GLU A 206 -9.89 11.41 0.78
C GLU A 206 -9.83 11.46 2.31
N ASN A 207 -8.68 11.04 2.87
CA ASN A 207 -8.35 11.12 4.29
C ASN A 207 -6.84 11.36 4.31
N VAL A 208 -6.46 12.65 4.45
CA VAL A 208 -5.06 13.07 4.42
C VAL A 208 -4.71 14.02 5.57
N PRO A 209 -3.49 13.89 6.18
CA PRO A 209 -3.10 14.85 7.23
C PRO A 209 -2.73 16.20 6.60
N GLU A 210 -2.90 17.30 7.36
CA GLU A 210 -2.57 18.66 6.89
C GLU A 210 -1.10 18.77 6.47
N GLU A 211 -0.81 19.59 5.44
CA GLU A 211 0.55 19.77 4.93
C GLU A 211 1.33 20.76 5.80
N ASP A 212 2.53 20.33 6.28
CA ASP A 212 3.45 21.12 7.12
C ASP A 212 3.98 22.36 6.39
N SER A 221 0.60 19.56 -10.09
CA SER A 221 1.71 18.78 -10.62
C SER A 221 2.45 17.97 -9.51
N LYS A 222 2.88 18.64 -8.41
CA LYS A 222 3.61 17.99 -7.31
C LYS A 222 2.76 17.06 -6.45
N CYS A 223 1.49 17.46 -6.13
CA CYS A 223 0.56 16.66 -5.33
C CYS A 223 0.29 15.30 -5.93
N ASP A 224 0.29 15.18 -7.27
CA ASP A 224 -0.02 13.92 -7.94
C ASP A 224 1.15 13.25 -8.64
N SER A 225 2.41 13.64 -8.33
CA SER A 225 3.57 13.00 -8.96
C SER A 225 3.69 11.52 -8.60
N HIS A 226 3.62 11.16 -7.29
CA HIS A 226 3.79 9.78 -6.86
C HIS A 226 2.70 8.85 -7.47
N GLY A 227 1.43 9.20 -7.25
CA GLY A 227 0.26 8.45 -7.70
C GLY A 227 0.08 8.26 -9.19
N THR A 228 0.35 9.31 -9.98
CA THR A 228 0.22 9.24 -11.44
C THR A 228 1.26 8.28 -12.04
N HIS A 229 2.49 8.29 -11.52
CA HIS A 229 3.56 7.44 -11.99
C HIS A 229 3.19 5.97 -11.75
N LEU A 230 2.76 5.64 -10.52
CA LEU A 230 2.36 4.29 -10.11
C LEU A 230 1.18 3.76 -10.87
N ALA A 231 0.17 4.61 -11.14
CA ALA A 231 -0.99 4.24 -11.94
C ALA A 231 -0.54 3.96 -13.39
N GLY A 232 0.47 4.68 -13.85
CA GLY A 232 1.07 4.47 -15.17
C GLY A 232 1.83 3.16 -15.21
N VAL A 233 2.49 2.79 -14.10
CA VAL A 233 3.26 1.53 -14.03
C VAL A 233 2.30 0.35 -14.08
N VAL A 234 1.22 0.40 -13.32
CA VAL A 234 0.24 -0.67 -13.30
C VAL A 234 -0.46 -0.85 -14.67
N SER A 235 -1.09 0.20 -15.21
CA SER A 235 -1.91 0.08 -16.41
C SER A 235 -1.65 1.05 -17.59
N GLY A 236 -0.53 1.76 -17.58
CA GLY A 236 -0.22 2.74 -18.62
C GLY A 236 -0.30 2.24 -20.06
N ARG A 237 -0.74 3.13 -20.99
CA ARG A 237 -0.86 2.86 -22.44
C ARG A 237 0.47 2.47 -23.11
N ASP A 238 1.57 3.21 -22.83
CA ASP A 238 2.86 2.88 -23.45
C ASP A 238 3.84 2.15 -22.52
N ALA A 239 3.82 2.48 -21.23
CA ALA A 239 4.79 1.96 -20.26
C ALA A 239 4.22 1.13 -19.11
N GLY A 240 2.98 0.67 -19.25
CA GLY A 240 2.31 -0.11 -18.22
C GLY A 240 2.52 -1.62 -18.30
N VAL A 241 2.40 -2.28 -17.14
CA VAL A 241 2.51 -3.74 -16.96
C VAL A 241 1.20 -4.44 -17.43
N ALA A 242 0.03 -4.05 -16.87
CA ALA A 242 -1.30 -4.62 -17.18
C ALA A 242 -2.22 -3.55 -17.82
N LYS A 243 -2.02 -3.29 -19.12
CA LYS A 243 -2.76 -2.29 -19.91
C LYS A 243 -4.30 -2.51 -19.92
N GLY A 244 -4.72 -3.76 -19.78
CA GLY A 244 -6.13 -4.14 -19.75
C GLY A 244 -6.81 -3.86 -18.42
N ALA A 245 -6.00 -3.70 -17.35
CA ALA A 245 -6.52 -3.44 -16.00
C ALA A 245 -7.15 -2.08 -15.82
N SER A 246 -8.28 -2.07 -15.11
CA SER A 246 -8.99 -0.86 -14.69
C SER A 246 -8.53 -0.59 -13.23
N MET A 247 -8.51 0.70 -12.81
CA MET A 247 -8.03 1.08 -11.50
C MET A 247 -8.98 1.99 -10.76
N ARG A 248 -9.00 1.88 -9.43
CA ARG A 248 -9.81 2.74 -8.59
C ARG A 248 -8.84 3.45 -7.67
N SER A 249 -8.87 4.78 -7.64
CA SER A 249 -7.89 5.49 -6.82
C SER A 249 -8.50 6.17 -5.61
N LEU A 250 -7.83 6.00 -4.44
CA LEU A 250 -8.18 6.60 -3.15
C LEU A 250 -7.00 7.47 -2.74
N ARG A 251 -7.30 8.64 -2.17
CA ARG A 251 -6.27 9.57 -1.70
C ARG A 251 -6.06 9.41 -0.19
N VAL A 252 -4.88 8.87 0.20
CA VAL A 252 -4.51 8.65 1.60
C VAL A 252 -3.18 9.34 1.92
N LEU A 253 -2.50 9.84 0.90
CA LEU A 253 -1.23 10.56 1.03
C LEU A 253 -1.44 11.98 0.58
N ASN A 254 -0.94 12.96 1.36
CA ASN A 254 -1.10 14.39 1.03
C ASN A 254 -0.09 14.84 -0.04
N CYS A 255 0.00 16.17 -0.31
CA CYS A 255 0.90 16.74 -1.30
C CYS A 255 2.38 16.46 -1.03
N GLN A 256 2.75 16.15 0.24
CA GLN A 256 4.14 15.83 0.62
C GLN A 256 4.35 14.31 0.76
N GLY A 257 3.36 13.52 0.32
CA GLY A 257 3.40 12.06 0.34
C GLY A 257 3.25 11.43 1.71
N LYS A 258 2.64 12.16 2.62
CA LYS A 258 2.43 11.79 4.01
C LYS A 258 0.94 11.46 4.27
N GLY A 259 0.71 10.34 4.95
CA GLY A 259 -0.61 9.89 5.33
C GLY A 259 -0.61 9.49 6.78
N THR A 260 -1.62 8.73 7.20
CA THR A 260 -1.73 8.27 8.60
C THR A 260 -2.17 6.84 8.58
N VAL A 261 -1.90 6.13 9.66
CA VAL A 261 -2.38 4.76 9.80
C VAL A 261 -3.92 4.77 9.78
N SER A 262 -4.53 5.65 10.60
CA SER A 262 -5.98 5.82 10.66
C SER A 262 -6.61 6.05 9.26
N GLY A 263 -6.01 6.97 8.50
CA GLY A 263 -6.44 7.33 7.14
C GLY A 263 -6.50 6.16 6.19
N THR A 264 -5.45 5.33 6.25
CA THR A 264 -5.23 4.10 5.46
C THR A 264 -6.27 3.05 5.88
N LEU A 265 -6.53 2.87 7.22
CA LEU A 265 -7.53 1.92 7.75
C LEU A 265 -8.90 2.19 7.16
N ILE A 266 -9.31 3.49 7.18
CA ILE A 266 -10.59 4.01 6.67
C ILE A 266 -10.68 3.77 5.15
N GLY A 267 -9.53 3.86 4.46
CA GLY A 267 -9.45 3.63 3.02
C GLY A 267 -9.62 2.17 2.67
N LEU A 268 -9.03 1.26 3.48
CA LEU A 268 -9.11 -0.19 3.29
C LEU A 268 -10.51 -0.66 3.65
N GLU A 269 -11.15 0.02 4.60
CA GLU A 269 -12.54 -0.25 5.03
C GLU A 269 -13.46 0.19 3.89
N PHE A 270 -13.19 1.38 3.29
CA PHE A 270 -13.92 1.91 2.14
C PHE A 270 -13.90 0.92 0.97
N ILE A 271 -12.73 0.27 0.71
CA ILE A 271 -12.60 -0.70 -0.38
C ILE A 271 -13.52 -1.85 -0.09
N ARG A 272 -13.44 -2.44 1.12
CA ARG A 272 -14.28 -3.55 1.56
C ARG A 272 -15.80 -3.21 1.42
N LYS A 273 -16.22 -1.98 1.84
CA LYS A 273 -17.60 -1.48 1.72
C LYS A 273 -18.04 -1.38 0.26
N SER A 274 -17.16 -0.89 -0.64
CA SER A 274 -17.45 -0.71 -2.08
C SER A 274 -17.72 -2.04 -2.79
N GLN A 275 -17.00 -3.07 -2.36
CA GLN A 275 -17.10 -4.43 -2.85
C GLN A 275 -18.39 -5.08 -2.41
N LEU A 276 -18.84 -4.80 -1.17
CA LEU A 276 -20.08 -5.40 -0.69
C LEU A 276 -21.32 -4.81 -1.39
N VAL A 277 -21.27 -3.51 -1.70
CA VAL A 277 -22.33 -2.74 -2.34
C VAL A 277 -22.50 -3.10 -3.83
N GLN A 278 -21.36 -3.24 -4.50
CA GLN A 278 -21.24 -3.49 -5.91
C GLN A 278 -20.16 -4.51 -6.17
N PRO A 279 -20.40 -5.81 -5.87
CA PRO A 279 -19.36 -6.82 -6.14
C PRO A 279 -18.96 -6.90 -7.61
N VAL A 280 -17.69 -7.18 -7.84
CA VAL A 280 -17.07 -7.32 -9.16
C VAL A 280 -16.22 -8.61 -9.14
N GLY A 281 -15.15 -8.66 -9.91
CA GLY A 281 -14.31 -9.85 -9.91
C GLY A 281 -13.19 -9.80 -8.89
N PRO A 282 -12.06 -10.48 -9.18
CA PRO A 282 -10.90 -10.41 -8.27
C PRO A 282 -10.41 -8.97 -8.06
N LEU A 283 -10.11 -8.61 -6.78
CA LEU A 283 -9.59 -7.29 -6.39
C LEU A 283 -8.09 -7.32 -6.03
N VAL A 284 -7.30 -6.40 -6.63
CA VAL A 284 -5.87 -6.22 -6.32
C VAL A 284 -5.75 -4.85 -5.64
N VAL A 285 -5.24 -4.80 -4.39
CA VAL A 285 -5.06 -3.55 -3.61
C VAL A 285 -3.55 -3.23 -3.49
N LEU A 286 -3.14 -2.11 -4.11
CA LEU A 286 -1.78 -1.61 -4.13
C LEU A 286 -1.59 -0.54 -3.01
N LEU A 287 -0.62 -0.82 -2.11
CA LEU A 287 -0.26 0.02 -0.95
C LEU A 287 1.19 0.48 -1.08
N PRO A 288 1.44 1.55 -1.86
CA PRO A 288 2.83 1.99 -2.09
C PRO A 288 3.25 3.05 -1.07
N LEU A 289 3.16 2.65 0.20
CA LEU A 289 3.43 3.46 1.37
C LEU A 289 3.96 2.58 2.49
N ALA A 290 4.52 3.22 3.54
CA ALA A 290 5.08 2.54 4.70
C ALA A 290 5.21 3.48 5.87
N GLY A 291 5.00 2.88 7.03
CA GLY A 291 5.17 3.47 8.34
C GLY A 291 5.88 2.44 9.19
N GLY A 292 6.02 2.71 10.47
CA GLY A 292 6.61 1.75 11.38
C GLY A 292 5.62 0.64 11.66
N TYR A 293 6.08 -0.46 12.31
CA TYR A 293 5.23 -1.61 12.65
C TYR A 293 3.94 -1.15 13.32
N SER A 294 2.80 -1.54 12.74
CA SER A 294 1.46 -1.18 13.22
C SER A 294 0.66 -2.43 13.38
N ARG A 295 0.30 -2.78 14.62
CA ARG A 295 -0.52 -3.95 14.95
C ARG A 295 -1.89 -3.84 14.25
N VAL A 296 -2.52 -2.65 14.30
CA VAL A 296 -3.83 -2.38 13.73
C VAL A 296 -3.82 -2.41 12.17
N LEU A 297 -2.79 -1.78 11.52
CA LEU A 297 -2.69 -1.79 10.06
C LEU A 297 -2.46 -3.21 9.52
N ASN A 298 -1.67 -4.02 10.25
CA ASN A 298 -1.41 -5.42 9.94
C ASN A 298 -2.65 -6.27 10.11
N ALA A 299 -3.42 -6.02 11.17
CA ALA A 299 -4.69 -6.71 11.50
C ALA A 299 -5.73 -6.49 10.37
N ALA A 300 -5.94 -5.22 9.95
CA ALA A 300 -6.85 -4.83 8.86
C ALA A 300 -6.46 -5.46 7.53
N CYS A 301 -5.15 -5.53 7.27
CA CYS A 301 -4.56 -6.12 6.09
C CYS A 301 -4.81 -7.62 6.06
N GLN A 302 -4.68 -8.31 7.21
CA GLN A 302 -4.98 -9.76 7.37
C GLN A 302 -6.48 -10.04 7.23
N ARG A 303 -7.35 -9.13 7.70
CA ARG A 303 -8.82 -9.31 7.59
C ARG A 303 -9.29 -9.20 6.15
N LEU A 304 -8.77 -8.21 5.41
CA LEU A 304 -9.00 -7.97 3.99
C LEU A 304 -8.48 -9.17 3.18
N ALA A 305 -7.30 -9.70 3.53
CA ALA A 305 -6.70 -10.87 2.89
C ALA A 305 -7.56 -12.14 3.09
N ARG A 306 -8.05 -12.37 4.34
CA ARG A 306 -8.93 -13.50 4.64
C ARG A 306 -10.28 -13.37 3.88
N ALA A 307 -10.77 -12.13 3.67
CA ALA A 307 -11.98 -11.84 2.91
C ALA A 307 -11.81 -12.14 1.38
N GLY A 308 -10.62 -12.54 0.95
CA GLY A 308 -10.34 -12.87 -0.44
C GLY A 308 -9.73 -11.75 -1.28
N VAL A 309 -9.28 -10.66 -0.66
CA VAL A 309 -8.67 -9.58 -1.42
C VAL A 309 -7.14 -9.76 -1.50
N VAL A 310 -6.54 -9.46 -2.67
CA VAL A 310 -5.09 -9.55 -2.84
C VAL A 310 -4.50 -8.18 -2.52
N LEU A 311 -3.53 -8.14 -1.58
CA LEU A 311 -2.85 -6.92 -1.13
C LEU A 311 -1.38 -6.98 -1.49
N VAL A 312 -0.90 -5.95 -2.25
CA VAL A 312 0.48 -5.80 -2.71
C VAL A 312 1.07 -4.52 -2.07
N THR A 313 2.23 -4.64 -1.41
CA THR A 313 2.83 -3.47 -0.77
C THR A 313 4.32 -3.29 -1.06
N ALA A 314 4.77 -2.06 -0.90
CA ALA A 314 6.16 -1.66 -0.97
C ALA A 314 6.89 -2.28 0.27
N ALA A 315 8.10 -2.79 0.09
CA ALA A 315 8.85 -3.32 1.23
C ALA A 315 9.36 -2.16 2.11
N GLY A 316 9.45 -0.96 1.52
CA GLY A 316 9.95 0.25 2.15
C GLY A 316 11.35 0.58 1.66
N ASN A 317 11.74 1.85 1.73
CA ASN A 317 13.01 2.40 1.25
C ASN A 317 14.00 2.79 2.38
N PHE A 318 14.11 1.94 3.41
CA PHE A 318 14.91 2.29 4.58
C PHE A 318 16.14 1.40 4.76
N ARG A 319 16.51 0.60 3.70
CA ARG A 319 17.67 -0.28 3.68
C ARG A 319 17.72 -1.10 4.97
N ASP A 320 16.55 -1.54 5.42
CA ASP A 320 16.36 -2.18 6.70
C ASP A 320 15.51 -3.45 6.58
N ASP A 321 15.27 -4.15 7.70
CA ASP A 321 14.44 -5.34 7.71
C ASP A 321 12.97 -4.84 7.59
N ALA A 322 12.22 -5.37 6.59
CA ALA A 322 10.83 -4.99 6.31
C ALA A 322 9.86 -5.36 7.42
N CYS A 323 10.24 -6.28 8.32
CA CYS A 323 9.39 -6.72 9.44
C CYS A 323 9.14 -5.63 10.46
N LEU A 324 9.90 -4.51 10.39
CA LEU A 324 9.75 -3.39 11.33
C LEU A 324 8.87 -2.30 10.76
N TYR A 325 8.25 -2.58 9.60
CA TYR A 325 7.42 -1.63 8.85
C TYR A 325 6.07 -2.18 8.45
N SER A 326 5.09 -1.29 8.33
CA SER A 326 3.72 -1.62 7.97
C SER A 326 3.23 -0.78 6.79
N PRO A 327 2.42 -1.36 5.87
CA PRO A 327 1.92 -2.74 5.84
C PRO A 327 2.89 -3.80 5.34
N ALA A 328 4.19 -3.49 5.18
CA ALA A 328 5.17 -4.47 4.71
C ALA A 328 5.26 -5.76 5.54
N SER A 329 5.18 -5.68 6.89
CA SER A 329 5.31 -6.83 7.79
C SER A 329 4.10 -7.77 7.85
N ALA A 330 2.89 -7.32 7.38
CA ALA A 330 1.66 -8.13 7.36
C ALA A 330 1.94 -9.39 6.55
N PRO A 331 1.90 -10.58 7.17
CA PRO A 331 2.35 -11.79 6.48
C PRO A 331 1.61 -12.22 5.20
N GLU A 332 0.28 -12.02 5.09
CA GLU A 332 -0.46 -12.53 3.93
C GLU A 332 -0.55 -11.55 2.76
N VAL A 333 0.19 -10.44 2.86
CA VAL A 333 0.34 -9.41 1.85
C VAL A 333 1.53 -9.86 0.99
N ILE A 334 1.64 -9.32 -0.23
CA ILE A 334 2.76 -9.55 -1.13
C ILE A 334 3.64 -8.30 -0.98
N THR A 335 4.69 -8.42 -0.15
CA THR A 335 5.66 -7.35 0.18
C THR A 335 6.79 -7.37 -0.87
N VAL A 336 6.89 -6.29 -1.68
CA VAL A 336 7.85 -6.24 -2.81
C VAL A 336 9.06 -5.29 -2.60
N GLY A 337 10.26 -5.85 -2.74
CA GLY A 337 11.54 -5.15 -2.70
C GLY A 337 11.92 -4.66 -4.09
N ALA A 338 12.85 -3.70 -4.18
CA ALA A 338 13.26 -3.14 -5.47
C ALA A 338 14.67 -3.60 -5.92
N THR A 339 14.76 -4.03 -7.20
CA THR A 339 15.98 -4.42 -7.89
C THR A 339 16.18 -3.53 -9.11
N ASN A 340 17.41 -3.47 -9.61
CA ASN A 340 17.73 -2.66 -10.79
C ASN A 340 18.14 -3.54 -11.98
N ALA A 341 18.42 -2.88 -13.13
CA ALA A 341 18.82 -3.49 -14.40
C ALA A 341 20.07 -4.38 -14.31
N GLN A 342 20.94 -4.11 -13.33
CA GLN A 342 22.18 -4.84 -13.14
C GLN A 342 22.01 -5.97 -12.11
N ASP A 343 20.72 -6.36 -11.80
CA ASP A 343 20.32 -7.43 -10.85
C ASP A 343 20.78 -7.14 -9.40
N GLN A 344 20.95 -5.87 -9.10
CA GLN A 344 21.40 -5.36 -7.82
C GLN A 344 20.18 -4.81 -7.04
N PRO A 345 20.14 -4.98 -5.67
CA PRO A 345 19.06 -4.34 -4.90
C PRO A 345 19.25 -2.82 -5.03
N VAL A 346 18.14 -2.07 -5.07
CA VAL A 346 18.22 -0.64 -5.35
C VAL A 346 18.79 0.17 -4.16
N THR A 347 19.62 1.19 -4.51
CA THR A 347 20.19 2.17 -3.59
C THR A 347 19.43 3.47 -3.81
N LEU A 348 18.82 3.97 -2.74
CA LEU A 348 18.03 5.19 -2.78
C LEU A 348 18.66 6.17 -1.81
N GLY A 349 19.52 7.02 -2.35
CA GLY A 349 20.28 7.97 -1.56
C GLY A 349 21.30 7.21 -0.74
N THR A 350 21.25 7.42 0.58
CA THR A 350 22.10 6.77 1.60
C THR A 350 21.39 5.49 2.09
N LEU A 351 20.13 5.32 1.66
CA LEU A 351 19.33 4.15 1.99
C LEU A 351 19.10 3.26 0.75
N GLY A 352 17.92 2.66 0.66
CA GLY A 352 17.58 1.76 -0.44
C GLY A 352 16.49 0.79 -0.06
N THR A 353 16.37 -0.29 -0.81
CA THR A 353 15.31 -1.27 -0.56
C THR A 353 15.45 -2.02 0.77
N ASN A 354 14.28 -2.30 1.36
CA ASN A 354 14.18 -3.11 2.55
C ASN A 354 14.38 -4.59 2.11
N PHE A 355 14.65 -5.47 3.08
CA PHE A 355 14.98 -6.87 2.83
C PHE A 355 14.51 -7.72 4.01
N GLY A 356 14.84 -9.00 4.00
CA GLY A 356 14.49 -9.91 5.10
C GLY A 356 13.36 -10.89 4.83
N ARG A 357 13.00 -11.69 5.87
CA ARG A 357 11.97 -12.75 5.85
C ARG A 357 10.52 -12.27 5.59
N CYS A 358 10.28 -10.96 5.54
CA CYS A 358 8.95 -10.38 5.35
C CYS A 358 8.69 -10.02 3.89
N VAL A 359 9.78 -9.79 3.12
CA VAL A 359 9.73 -9.53 1.68
C VAL A 359 9.41 -10.87 1.01
N ASP A 360 8.44 -10.87 0.09
CA ASP A 360 8.03 -12.05 -0.64
C ASP A 360 8.88 -12.23 -1.86
N LEU A 361 9.21 -11.11 -2.53
CA LEU A 361 10.02 -11.14 -3.75
C LEU A 361 10.41 -9.72 -4.14
N PHE A 362 11.22 -9.58 -5.18
CA PHE A 362 11.67 -8.28 -5.65
C PHE A 362 11.12 -8.03 -7.04
N ALA A 363 11.22 -6.78 -7.51
CA ALA A 363 10.78 -6.43 -8.87
C ALA A 363 11.47 -5.13 -9.31
N PRO A 364 11.52 -4.81 -10.63
CA PRO A 364 12.14 -3.54 -11.07
C PRO A 364 11.68 -2.29 -10.32
N GLY A 365 12.61 -1.64 -9.63
CA GLY A 365 12.30 -0.44 -8.85
C GLY A 365 13.31 0.69 -8.97
N GLU A 366 14.08 0.70 -10.07
CA GLU A 366 15.09 1.72 -10.32
C GLU A 366 15.01 2.12 -11.76
N ASP A 367 14.93 3.44 -12.00
CA ASP A 367 14.88 4.00 -13.34
C ASP A 367 13.67 3.39 -14.09
N ILE A 368 12.48 3.61 -13.51
CA ILE A 368 11.22 3.10 -14.04
C ILE A 368 10.51 4.22 -14.79
N ILE A 369 10.47 4.13 -16.12
CA ILE A 369 9.79 5.13 -16.94
C ILE A 369 8.28 5.00 -16.71
N GLY A 370 7.61 6.13 -16.58
CA GLY A 370 6.18 6.16 -16.35
C GLY A 370 5.64 7.56 -16.45
N ALA A 371 4.32 7.70 -16.31
CA ALA A 371 3.65 8.98 -16.44
C ALA A 371 4.07 10.07 -15.45
N SER A 372 4.44 11.25 -15.97
CA SER A 372 4.74 12.41 -15.16
C SER A 372 3.47 13.24 -15.18
N SER A 373 3.15 13.86 -14.05
CA SER A 373 1.97 14.69 -13.96
C SER A 373 2.26 16.16 -14.35
N ASP A 374 3.48 16.43 -14.88
CA ASP A 374 3.89 17.75 -15.36
C ASP A 374 2.99 18.21 -16.52
N CYS A 375 2.71 17.30 -17.45
CA CYS A 375 1.80 17.56 -18.55
C CYS A 375 1.00 16.29 -18.88
N SER A 376 -0.03 16.42 -19.71
CA SER A 376 -0.94 15.33 -20.09
C SER A 376 -0.26 14.16 -20.83
N THR A 377 0.90 14.40 -21.48
CA THR A 377 1.65 13.42 -22.25
C THR A 377 3.08 13.24 -21.74
N CYS A 378 3.38 13.76 -20.54
CA CYS A 378 4.71 13.71 -19.93
C CYS A 378 5.05 12.37 -19.35
N PHE A 379 6.36 12.04 -19.36
CA PHE A 379 6.97 10.84 -18.83
C PHE A 379 8.20 11.19 -17.99
N VAL A 380 8.34 10.51 -16.83
CA VAL A 380 9.47 10.67 -15.94
C VAL A 380 9.95 9.30 -15.43
N SER A 381 11.26 9.19 -15.15
CA SER A 381 11.86 8.01 -14.55
C SER A 381 11.86 8.18 -13.02
N GLN A 382 11.36 7.17 -12.29
CA GLN A 382 11.25 7.16 -10.85
C GLN A 382 11.73 5.84 -10.29
N SER A 383 12.10 5.86 -9.02
CA SER A 383 12.64 4.70 -8.32
C SER A 383 12.04 4.56 -6.94
N GLY A 384 12.04 3.34 -6.42
CA GLY A 384 11.56 3.01 -5.09
C GLY A 384 10.87 1.67 -4.98
N THR A 385 10.55 1.21 -3.75
CA THR A 385 9.80 -0.04 -3.61
C THR A 385 8.35 0.14 -4.10
N SER A 386 7.83 1.37 -4.13
CA SER A 386 6.48 1.68 -4.64
C SER A 386 6.37 1.21 -6.08
N GLN A 387 7.39 1.54 -6.92
CA GLN A 387 7.50 1.20 -8.33
C GLN A 387 7.56 -0.30 -8.49
N ALA A 388 8.35 -0.95 -7.62
CA ALA A 388 8.55 -2.41 -7.59
C ALA A 388 7.22 -3.11 -7.30
N ALA A 389 6.49 -2.60 -6.30
CA ALA A 389 5.18 -3.09 -5.89
C ALA A 389 4.17 -2.97 -7.04
N ALA A 390 4.15 -1.81 -7.76
CA ALA A 390 3.27 -1.54 -8.91
C ALA A 390 3.42 -2.57 -10.05
N HIS A 391 4.64 -3.09 -10.26
CA HIS A 391 4.96 -4.14 -11.23
C HIS A 391 4.25 -5.44 -10.83
N VAL A 392 4.41 -5.86 -9.55
CA VAL A 392 3.83 -7.07 -8.98
C VAL A 392 2.31 -6.98 -9.00
N ALA A 393 1.74 -5.79 -8.70
CA ALA A 393 0.30 -5.54 -8.77
C ALA A 393 -0.19 -5.75 -10.22
N GLY A 394 0.68 -5.46 -11.20
CA GLY A 394 0.40 -5.67 -12.61
C GLY A 394 0.49 -7.13 -13.00
N ILE A 395 1.52 -7.84 -12.54
CA ILE A 395 1.72 -9.28 -12.79
C ILE A 395 0.59 -10.10 -12.15
N ALA A 396 0.13 -9.72 -10.93
CA ALA A 396 -0.97 -10.39 -10.22
C ALA A 396 -2.30 -10.14 -10.95
N ALA A 397 -2.54 -8.87 -11.38
CA ALA A 397 -3.73 -8.43 -12.13
C ALA A 397 -3.86 -9.23 -13.41
N MET A 398 -2.74 -9.67 -13.96
CA MET A 398 -2.73 -10.45 -15.18
C MET A 398 -2.90 -11.93 -14.93
N MET A 399 -2.31 -12.44 -13.83
CA MET A 399 -2.37 -13.85 -13.46
C MET A 399 -3.79 -14.23 -13.04
N LEU A 400 -4.46 -13.31 -12.32
CA LEU A 400 -5.83 -13.47 -11.86
C LEU A 400 -6.84 -13.29 -13.01
N SER A 401 -6.52 -12.52 -14.04
CA SER A 401 -7.42 -12.34 -15.17
CA SER A 401 -7.40 -12.32 -15.20
C SER A 401 -7.40 -13.60 -16.03
N ALA A 402 -6.21 -14.21 -16.22
CA ALA A 402 -6.00 -15.47 -16.93
C ALA A 402 -6.55 -16.69 -16.12
N GLU A 403 -6.42 -16.66 -14.77
CA GLU A 403 -6.91 -17.73 -13.88
C GLU A 403 -7.72 -17.09 -12.73
N PRO A 404 -8.99 -16.71 -13.00
CA PRO A 404 -9.77 -15.99 -11.99
C PRO A 404 -10.08 -16.70 -10.69
N GLU A 405 -10.02 -18.04 -10.66
CA GLU A 405 -10.36 -18.79 -9.43
C GLU A 405 -9.17 -19.01 -8.49
N LEU A 406 -7.95 -18.55 -8.85
CA LEU A 406 -6.76 -18.73 -8.00
C LEU A 406 -7.02 -18.12 -6.64
N THR A 407 -6.72 -18.88 -5.57
CA THR A 407 -6.82 -18.36 -4.20
C THR A 407 -5.55 -17.53 -3.94
N LEU A 408 -5.55 -16.67 -2.91
CA LEU A 408 -4.37 -15.88 -2.53
C LEU A 408 -3.14 -16.77 -2.44
N ALA A 409 -3.26 -17.88 -1.72
CA ALA A 409 -2.22 -18.89 -1.54
C ALA A 409 -1.71 -19.42 -2.87
N GLU A 410 -2.62 -19.70 -3.82
CA GLU A 410 -2.26 -20.24 -5.13
C GLU A 410 -1.58 -19.20 -6.01
N LEU A 411 -2.05 -17.95 -5.94
CA LEU A 411 -1.52 -16.80 -6.69
C LEU A 411 -0.09 -16.51 -6.25
N ARG A 412 0.16 -16.59 -4.93
CA ARG A 412 1.47 -16.39 -4.34
C ARG A 412 2.40 -17.49 -4.88
N GLN A 413 1.97 -18.77 -4.89
CA GLN A 413 2.83 -19.83 -5.44
C GLN A 413 3.14 -19.63 -6.91
N ARG A 414 2.20 -19.03 -7.67
CA ARG A 414 2.38 -18.73 -9.09
C ARG A 414 3.41 -17.60 -9.23
N LEU A 415 3.26 -16.50 -8.45
CA LEU A 415 4.21 -15.37 -8.44
C LEU A 415 5.65 -15.87 -8.19
N ILE A 416 5.83 -16.76 -7.17
CA ILE A 416 7.12 -17.34 -6.79
C ILE A 416 7.61 -18.28 -7.86
N HIS A 417 6.74 -19.14 -8.40
CA HIS A 417 7.12 -20.09 -9.44
C HIS A 417 7.62 -19.40 -10.73
N PHE A 418 7.05 -18.25 -11.06
CA PHE A 418 7.40 -17.57 -12.31
C PHE A 418 8.50 -16.51 -12.19
N SER A 419 8.99 -16.28 -10.96
CA SER A 419 10.07 -15.34 -10.69
C SER A 419 11.41 -15.82 -11.21
N ALA A 420 12.32 -14.90 -11.60
CA ALA A 420 13.69 -15.27 -11.97
C ALA A 420 14.37 -15.59 -10.64
N LYS A 421 15.01 -16.75 -10.56
CA LYS A 421 15.64 -17.26 -9.36
C LYS A 421 17.17 -17.12 -9.29
N ASP A 422 17.65 -16.64 -8.12
CA ASP A 422 19.06 -16.46 -7.73
C ASP A 422 19.89 -15.55 -8.69
N VAL A 423 19.30 -14.43 -9.14
CA VAL A 423 20.01 -13.47 -9.99
C VAL A 423 20.47 -12.21 -9.19
N ILE A 424 19.79 -11.93 -8.06
CA ILE A 424 20.08 -10.80 -7.18
C ILE A 424 21.38 -11.00 -6.44
N ASN A 425 22.23 -9.94 -6.41
CA ASN A 425 23.49 -9.96 -5.66
C ASN A 425 23.16 -9.93 -4.16
N GLU A 426 23.24 -11.09 -3.48
CA GLU A 426 22.98 -11.20 -2.04
C GLU A 426 24.00 -10.42 -1.21
N ALA A 427 25.26 -10.19 -1.75
CA ALA A 427 26.32 -9.48 -1.03
C ALA A 427 25.99 -8.04 -0.67
N TRP A 428 24.96 -7.44 -1.31
CA TRP A 428 24.49 -6.08 -1.01
C TRP A 428 23.74 -6.10 0.33
N PHE A 429 23.10 -7.24 0.68
CA PHE A 429 22.31 -7.41 1.90
C PHE A 429 23.19 -7.67 3.09
N PRO A 430 22.83 -7.20 4.32
CA PRO A 430 23.60 -7.58 5.53
C PRO A 430 23.73 -9.11 5.63
N GLU A 431 24.89 -9.60 6.07
CA GLU A 431 25.28 -11.01 6.13
C GLU A 431 24.21 -12.01 6.57
N ASP A 432 23.58 -11.80 7.72
CA ASP A 432 22.60 -12.74 8.27
C ASP A 432 21.23 -12.67 7.57
N GLN A 433 20.96 -11.57 6.85
CA GLN A 433 19.73 -11.34 6.10
C GLN A 433 19.72 -12.09 4.77
N ARG A 434 20.88 -12.54 4.29
CA ARG A 434 21.03 -13.21 2.99
C ARG A 434 20.22 -14.49 2.84
N VAL A 435 20.34 -15.43 3.77
CA VAL A 435 19.60 -16.71 3.71
C VAL A 435 18.04 -16.49 3.84
N LEU A 436 17.66 -15.41 4.56
CA LEU A 436 16.31 -14.97 4.89
C LEU A 436 15.60 -14.16 3.81
N THR A 437 16.37 -13.48 2.94
CA THR A 437 15.80 -12.65 1.88
C THR A 437 15.58 -13.50 0.62
N PRO A 438 14.32 -13.59 0.13
CA PRO A 438 14.06 -14.36 -1.10
C PRO A 438 14.76 -13.76 -2.34
N ASN A 439 15.60 -14.57 -2.96
CA ASN A 439 16.33 -14.14 -4.16
C ASN A 439 15.43 -14.42 -5.37
N LEU A 440 14.38 -13.61 -5.50
CA LEU A 440 13.34 -13.72 -6.55
C LEU A 440 13.07 -12.39 -7.22
N VAL A 441 13.02 -12.35 -8.57
CA VAL A 441 12.65 -11.15 -9.33
C VAL A 441 11.34 -11.49 -10.08
N ALA A 442 10.25 -10.77 -9.75
CA ALA A 442 8.93 -10.98 -10.35
C ALA A 442 8.99 -11.06 -11.90
N ALA A 443 8.13 -11.92 -12.49
CA ALA A 443 8.03 -12.12 -13.93
C ALA A 443 6.72 -12.75 -14.30
N LEU A 444 6.20 -12.35 -15.46
CA LEU A 444 4.95 -12.86 -16.01
C LEU A 444 5.18 -14.24 -16.56
N PRO A 445 4.13 -15.10 -16.61
CA PRO A 445 4.34 -16.44 -17.18
C PRO A 445 4.73 -16.34 -18.67
N PRO A 446 5.68 -17.17 -19.16
CA PRO A 446 6.04 -17.10 -20.59
C PRO A 446 5.05 -17.88 -21.47
N CYS B 1 12.44 -2.94 -32.39
CA CYS B 1 11.55 -2.33 -31.41
C CYS B 1 12.22 -2.15 -30.06
N PHE B 2 11.93 -1.01 -29.40
CA PHE B 2 12.46 -0.72 -28.06
C PHE B 2 11.41 -1.08 -27.02
N ILE B 3 11.89 -1.67 -25.91
CA ILE B 3 11.05 -1.98 -24.76
C ILE B 3 11.81 -1.55 -23.46
N PRO B 4 11.21 -0.70 -22.57
CA PRO B 4 11.92 -0.31 -21.33
C PRO B 4 12.39 -1.53 -20.57
N TRP B 5 13.63 -1.49 -20.02
CA TRP B 5 14.32 -2.59 -19.34
C TRP B 5 13.41 -3.37 -18.36
N ASN B 6 12.63 -2.66 -17.56
CA ASN B 6 11.73 -3.19 -16.52
C ASN B 6 10.57 -4.00 -17.06
N LEU B 7 10.09 -3.62 -18.24
CA LEU B 7 9.02 -4.37 -18.89
C LEU B 7 9.63 -5.62 -19.57
N GLN B 8 10.87 -5.53 -20.03
CA GLN B 8 11.58 -6.65 -20.63
C GLN B 8 11.91 -7.68 -19.53
N ARG B 9 12.43 -7.18 -18.38
CA ARG B 9 12.84 -7.97 -17.22
C ARG B 9 11.72 -8.84 -16.66
N ILE B 10 10.48 -8.32 -16.65
CA ILE B 10 9.33 -9.06 -16.14
C ILE B 10 8.65 -9.94 -17.22
N GLY B 11 9.26 -10.02 -18.40
CA GLY B 11 8.77 -10.87 -19.49
C GLY B 11 7.85 -10.29 -20.53
N LEU B 12 7.72 -8.95 -20.60
CA LEU B 12 6.88 -8.38 -21.64
C LEU B 12 7.66 -8.32 -22.97
N LEU B 13 6.94 -8.44 -24.09
CA LEU B 13 7.51 -8.43 -25.43
C LEU B 13 6.99 -7.24 -26.24
N CYS B 14 7.72 -6.87 -27.29
CA CYS B 14 7.36 -5.79 -28.22
C CYS B 14 7.77 -6.18 -29.64
N THR C 2 14.90 14.05 -15.78
CA THR C 2 14.38 14.71 -17.00
C THR C 2 12.92 14.33 -17.24
N VAL C 3 12.09 15.30 -17.55
CA VAL C 3 10.69 15.04 -17.85
C VAL C 3 10.55 15.15 -19.35
N PHE C 4 10.10 14.08 -20.00
CA PHE C 4 9.91 14.04 -21.45
C PHE C 4 8.49 14.54 -21.76
N THR C 5 8.33 15.38 -22.82
CA THR C 5 7.03 15.96 -23.17
C THR C 5 6.16 14.98 -23.96
N SER C 6 6.73 13.85 -24.40
CA SER C 6 6.02 12.81 -25.16
C SER C 6 6.76 11.48 -25.05
N TRP C 7 6.12 10.39 -25.49
CA TRP C 7 6.72 9.05 -25.47
C TRP C 7 7.81 8.95 -26.51
N GLU C 8 7.63 9.64 -27.67
CA GLU C 8 8.59 9.71 -28.77
C GLU C 8 9.88 10.38 -28.29
N GLU C 9 9.75 11.51 -27.53
CA GLU C 9 10.88 12.23 -26.94
C GLU C 9 11.75 11.29 -26.08
N TYR C 10 11.11 10.49 -25.23
CA TYR C 10 11.77 9.48 -24.41
C TYR C 10 12.47 8.42 -25.29
N LEU C 11 11.81 7.91 -26.37
CA LEU C 11 12.39 6.90 -27.28
C LEU C 11 13.65 7.38 -28.02
N ASP C 12 13.70 8.67 -28.41
CA ASP C 12 14.86 9.26 -29.10
C ASP C 12 16.05 9.42 -28.17
N TRP C 13 15.76 9.81 -26.92
CA TRP C 13 16.68 10.02 -25.82
C TRP C 13 17.32 8.70 -25.36
N VAL C 14 16.48 7.67 -25.12
CA VAL C 14 16.91 6.40 -24.55
C VAL C 14 17.63 5.50 -25.58
#